data_2WTN
#
_entry.id   2WTN
#
_cell.length_a   144.279
_cell.length_b   48.177
_cell.length_c   97.035
_cell.angle_alpha   90.00
_cell.angle_beta   127.74
_cell.angle_gamma   90.00
#
_symmetry.space_group_name_H-M   'C 1 2 1'
#
loop_
_entity.id
_entity.type
_entity.pdbx_description
1 polymer EST1E
2 non-polymer GLYCEROL
3 non-polymer '3-(4-HYDROXY-3-METHOXYPHENYL)-2-PROPENOIC ACID'
4 non-polymer 'PHOSPHATE ION'
5 water water
#
_entity_poly.entity_id   1
_entity_poly.type   'polypeptide(L)'
_entity_poly.pdbx_seq_one_letter_code
;SGAMYIDCDGIKLNAYLDMPKNNPEKCPLCIIIHGFTGHSEERHIVAVQETLNEIGVATLRADMYGHGKSDGKFEDHTLF
KWLTNILAVVDYAKKLDFVTDIYMAGHSQGGLSVMLAAAMERDIIKALIPLSPAAMIPEIARTGELLGLKFDPENIPDEL
DAWDGRKLKGNYVRVAQTIRVEDFVDKYTKPVLIVHGDQDEAVPYEASVAFSKQYKNCKLVTIPGDTHCYDHHLELVTEA
VKEFMLEQIAK
;
_entity_poly.pdbx_strand_id   A,B
#
# COMPACT_ATOMS: atom_id res chain seq x y z
N ALA A 3 27.33 -5.11 5.73
CA ALA A 3 26.75 -4.95 4.33
C ALA A 3 26.13 -6.24 3.70
N MET A 4 24.84 -6.17 3.33
CA MET A 4 24.17 -7.27 2.65
C MET A 4 22.92 -6.85 1.84
N TYR A 5 22.25 -7.85 1.31
CA TYR A 5 21.02 -7.66 0.58
C TYR A 5 19.90 -8.43 1.22
N ILE A 6 18.78 -7.73 1.43
CA ILE A 6 17.56 -8.38 1.77
C ILE A 6 16.67 -8.33 0.55
N ASP A 7 16.15 -9.51 0.21
CA ASP A 7 15.31 -9.67 -0.92
C ASP A 7 13.92 -9.25 -0.58
N CYS A 8 13.30 -8.50 -1.49
CA CYS A 8 11.92 -8.13 -1.33
C CYS A 8 11.30 -8.31 -2.70
N ASP A 9 10.62 -9.43 -2.85
CA ASP A 9 9.98 -9.83 -4.13
C ASP A 9 10.89 -9.71 -5.35
N GLY A 10 12.19 -9.97 -5.15
CA GLY A 10 13.20 -9.86 -6.28
C GLY A 10 13.93 -8.52 -6.32
N ILE A 11 13.37 -7.49 -5.72
CA ILE A 11 14.09 -6.21 -5.49
C ILE A 11 15.05 -6.49 -4.32
N LYS A 12 16.33 -6.33 -4.61
CA LYS A 12 17.34 -6.32 -3.61
C LYS A 12 17.28 -5.04 -2.85
N LEU A 13 17.16 -5.18 -1.53
CA LEU A 13 17.33 -4.08 -0.66
C LEU A 13 18.70 -4.16 -0.04
N ASN A 14 19.50 -3.10 -0.26
CA ASN A 14 20.76 -2.94 0.36
C ASN A 14 20.56 -2.53 1.84
N ALA A 15 21.35 -3.12 2.73
CA ALA A 15 21.34 -2.83 4.15
C ALA A 15 22.71 -3.05 4.83
N TYR A 16 22.88 -2.40 5.97
CA TYR A 16 24.05 -2.41 6.81
C TYR A 16 23.63 -2.83 8.20
N LEU A 17 24.07 -4.02 8.59
CA LEU A 17 24.01 -4.45 9.99
C LEU A 17 25.31 -4.11 10.76
N ASP A 18 25.21 -3.16 11.66
CA ASP A 18 26.27 -2.77 12.54
C ASP A 18 25.99 -3.23 13.99
N MET A 19 26.88 -4.09 14.50
CA MET A 19 26.85 -4.57 15.89
C MET A 19 27.60 -3.64 16.83
N PRO A 20 27.23 -3.68 18.11
CA PRO A 20 28.12 -3.01 19.09
C PRO A 20 29.58 -3.61 19.04
N LYS A 21 30.56 -2.75 19.33
CA LYS A 21 32.00 -3.09 19.13
C LYS A 21 32.33 -4.40 19.84
N ASN A 22 31.82 -4.53 21.06
CA ASN A 22 31.99 -5.76 21.87
C ASN A 22 31.47 -7.11 21.29
N ASN A 23 30.77 -7.03 20.15
CA ASN A 23 30.02 -8.14 19.52
C ASN A 23 29.32 -9.01 20.55
N PRO A 24 28.24 -8.49 21.16
CA PRO A 24 27.49 -9.30 22.14
C PRO A 24 26.60 -10.35 21.48
N GLU A 25 26.26 -11.39 22.22
CA GLU A 25 25.47 -12.52 21.69
C GLU A 25 23.97 -12.22 21.71
N LYS A 26 23.61 -11.20 22.49
CA LYS A 26 22.26 -10.72 22.60
C LYS A 26 22.26 -9.19 22.76
N CYS A 27 21.56 -8.50 21.86
CA CYS A 27 21.27 -7.07 22.01
C CYS A 27 20.00 -6.73 21.24
N PRO A 28 19.37 -5.60 21.59
CA PRO A 28 18.30 -5.11 20.73
C PRO A 28 18.82 -4.54 19.41
N LEU A 29 17.88 -4.42 18.47
CA LEU A 29 18.08 -3.95 17.10
C LEU A 29 17.18 -2.73 16.79
N CYS A 30 17.76 -1.63 16.25
CA CYS A 30 16.99 -0.58 15.70
C CYS A 30 17.11 -0.58 14.15
N ILE A 31 15.96 -0.63 13.49
CA ILE A 31 15.86 -0.49 12.01
C ILE A 31 15.78 0.99 11.78
N ILE A 32 16.61 1.45 10.86
CA ILE A 32 16.74 2.85 10.49
C ILE A 32 16.48 3.07 8.98
N ILE A 33 15.58 4.00 8.70
CA ILE A 33 15.03 4.34 7.37
C ILE A 33 15.25 5.82 7.06
N HIS A 34 15.96 6.06 5.96
CA HIS A 34 16.30 7.39 5.46
C HIS A 34 15.07 7.95 4.71
N GLY A 35 15.19 9.20 4.24
CA GLY A 35 14.12 9.96 3.68
C GLY A 35 14.19 9.99 2.15
N PHE A 36 13.32 10.78 1.56
CA PHE A 36 13.10 10.88 0.09
C PHE A 36 14.37 11.52 -0.58
N THR A 37 14.91 10.81 -1.59
CA THR A 37 16.22 11.00 -2.19
C THR A 37 17.43 10.65 -1.30
N GLY A 38 17.18 10.20 -0.04
CA GLY A 38 18.22 9.81 0.88
C GLY A 38 18.75 8.41 0.76
N HIS A 39 19.62 8.03 1.69
CA HIS A 39 20.23 6.71 1.67
C HIS A 39 20.85 6.44 3.02
N SER A 40 21.29 5.19 3.23
CA SER A 40 21.77 4.80 4.58
C SER A 40 23.16 5.38 5.03
N GLU A 41 23.88 6.08 4.15
CA GLU A 41 25.18 6.63 4.50
C GLU A 41 25.10 8.12 4.74
N GLU A 42 23.93 8.73 4.78
CA GLU A 42 23.89 10.15 5.10
C GLU A 42 24.41 10.46 6.54
N ARG A 43 24.94 11.66 6.71
CA ARG A 43 25.62 12.08 7.95
C ARG A 43 24.71 11.82 9.14
N HIS A 44 23.46 12.26 9.03
CA HIS A 44 22.55 12.18 10.19
C HIS A 44 22.14 10.74 10.44
N ILE A 45 22.11 9.90 9.41
CA ILE A 45 21.73 8.49 9.59
C ILE A 45 22.85 7.74 10.34
N VAL A 46 24.05 7.98 9.86
CA VAL A 46 25.29 7.41 10.44
C VAL A 46 25.47 7.88 11.88
N ALA A 47 25.21 9.16 12.14
CA ALA A 47 25.39 9.67 13.51
C ALA A 47 24.49 8.93 14.51
N VAL A 48 23.23 8.78 14.13
CA VAL A 48 22.23 8.07 14.95
C VAL A 48 22.61 6.61 15.12
N GLN A 49 23.01 5.99 14.03
CA GLN A 49 23.45 4.61 14.02
C GLN A 49 24.66 4.39 14.97
N GLU A 50 25.66 5.27 14.88
CA GLU A 50 26.84 5.18 15.72
C GLU A 50 26.52 5.37 17.19
N THR A 51 25.74 6.39 17.51
CA THR A 51 25.28 6.61 18.86
C THR A 51 24.60 5.40 19.42
N LEU A 52 23.81 4.71 18.62
CA LEU A 52 23.06 3.57 19.12
C LEU A 52 24.03 2.47 19.43
N ASN A 53 24.95 2.24 18.48
CA ASN A 53 25.89 1.16 18.60
C ASN A 53 26.72 1.33 19.91
N GLU A 54 27.09 2.56 20.26
CA GLU A 54 27.85 2.76 21.48
C GLU A 54 27.08 2.52 22.79
N ILE A 55 25.74 2.54 22.76
CA ILE A 55 25.00 2.21 23.95
C ILE A 55 24.50 0.78 23.89
N GLY A 56 25.06 -0.03 22.99
CA GLY A 56 24.73 -1.49 22.90
C GLY A 56 23.62 -1.94 21.95
N VAL A 57 23.07 -1.01 21.16
CA VAL A 57 21.99 -1.37 20.21
C VAL A 57 22.55 -1.61 18.82
N ALA A 58 22.30 -2.80 18.32
CA ALA A 58 22.64 -3.05 16.94
C ALA A 58 21.76 -2.16 16.04
N THR A 59 22.27 -1.86 14.87
CA THR A 59 21.53 -1.05 13.88
C THR A 59 21.45 -1.82 12.58
N LEU A 60 20.28 -1.78 11.98
CA LEU A 60 20.07 -2.24 10.63
C LEU A 60 19.51 -1.06 9.78
N ARG A 61 20.40 -0.43 9.00
CA ARG A 61 20.04 0.66 8.13
C ARG A 61 19.71 0.05 6.79
N ALA A 62 18.48 0.30 6.25
CA ALA A 62 18.03 -0.25 4.99
C ALA A 62 17.75 0.83 3.94
N ASP A 63 18.31 0.62 2.73
CA ASP A 63 18.07 1.52 1.59
C ASP A 63 16.74 1.03 0.98
N MET A 64 15.79 1.93 0.89
CA MET A 64 14.45 1.62 0.37
C MET A 64 14.43 1.60 -1.14
N TYR A 65 13.34 1.05 -1.66
CA TYR A 65 13.14 0.97 -3.10
C TYR A 65 13.55 2.27 -3.78
N GLY A 66 14.36 2.10 -4.85
CA GLY A 66 14.79 3.24 -5.66
C GLY A 66 15.72 4.18 -5.01
N HIS A 67 16.30 3.79 -3.88
CA HIS A 67 17.16 4.69 -3.19
C HIS A 67 18.52 4.00 -2.85
N GLY A 68 19.54 4.78 -2.55
CA GLY A 68 20.80 4.21 -2.10
C GLY A 68 21.36 3.21 -3.09
N LYS A 69 21.76 2.04 -2.64
CA LYS A 69 22.15 0.98 -3.56
C LYS A 69 21.13 -0.11 -3.72
N SER A 70 19.87 0.16 -3.39
CA SER A 70 18.85 -0.80 -3.63
C SER A 70 18.43 -0.73 -5.09
N ASP A 71 17.76 -1.80 -5.50
CA ASP A 71 17.12 -1.91 -6.80
C ASP A 71 15.89 -0.95 -6.92
N GLY A 72 15.46 -0.76 -8.15
CA GLY A 72 14.32 0.06 -8.47
C GLY A 72 14.79 1.43 -8.86
N LYS A 73 14.03 2.09 -9.73
CA LYS A 73 14.22 3.50 -9.98
C LYS A 73 13.42 4.36 -9.02
N PHE A 74 14.04 5.46 -8.65
CA PHE A 74 13.50 6.51 -7.81
C PHE A 74 12.06 6.90 -8.22
N GLU A 75 11.87 7.06 -9.52
CA GLU A 75 10.64 7.55 -10.08
C GLU A 75 9.52 6.58 -9.90
N ASP A 76 9.88 5.31 -9.75
CA ASP A 76 8.89 4.28 -9.50
C ASP A 76 8.53 4.06 -8.01
N HIS A 77 9.17 4.72 -7.12
CA HIS A 77 8.92 4.40 -5.71
C HIS A 77 7.58 4.98 -5.23
N THR A 78 6.96 4.27 -4.30
CA THR A 78 5.80 4.77 -3.58
C THR A 78 5.86 4.34 -2.10
N LEU A 79 4.93 4.92 -1.33
CA LEU A 79 4.86 4.59 0.07
C LEU A 79 4.38 3.17 0.27
N PHE A 80 3.60 2.63 -0.68
CA PHE A 80 3.21 1.24 -0.55
C PHE A 80 4.42 0.31 -0.73
N LYS A 81 5.25 0.62 -1.68
CA LYS A 81 6.53 -0.14 -1.88
C LYS A 81 7.47 -0.05 -0.69
N TRP A 82 7.67 1.18 -0.16
CA TRP A 82 8.48 1.45 1.07
C TRP A 82 7.92 0.67 2.27
N LEU A 83 6.60 0.75 2.41
CA LEU A 83 5.93 -0.06 3.49
C LEU A 83 6.12 -1.56 3.29
N THR A 84 5.96 -1.99 2.07
CA THR A 84 6.23 -3.41 1.74
C THR A 84 7.73 -3.83 2.05
N ASN A 85 8.66 -2.95 1.72
CA ASN A 85 10.09 -3.13 2.02
C ASN A 85 10.34 -3.19 3.51
N ILE A 86 9.73 -2.26 4.28
CA ILE A 86 9.88 -2.28 5.68
C ILE A 86 9.33 -3.59 6.25
N LEU A 87 8.20 -4.12 5.77
CA LEU A 87 7.75 -5.36 6.34
C LEU A 87 8.79 -6.47 6.10
N ALA A 88 9.46 -6.42 4.96
CA ALA A 88 10.46 -7.41 4.56
C ALA A 88 11.74 -7.31 5.46
N VAL A 89 12.11 -6.10 5.86
CA VAL A 89 13.25 -5.86 6.71
C VAL A 89 12.91 -6.29 8.15
N VAL A 90 11.66 -6.05 8.58
CA VAL A 90 11.26 -6.57 9.88
C VAL A 90 11.28 -8.08 9.86
N ASP A 91 10.81 -8.71 8.82
CA ASP A 91 10.66 -10.14 8.83
C ASP A 91 12.07 -10.78 8.85
N TYR A 92 13.01 -10.08 8.20
CA TYR A 92 14.43 -10.43 8.23
C TYR A 92 15.03 -10.26 9.63
N ALA A 93 14.74 -9.16 10.32
CA ALA A 93 15.24 -8.98 11.67
C ALA A 93 14.79 -10.01 12.68
N LYS A 94 13.56 -10.46 12.52
CA LYS A 94 12.91 -11.43 13.38
C LYS A 94 13.65 -12.79 13.39
N LYS A 95 14.39 -13.10 12.33
CA LYS A 95 15.13 -14.35 12.22
C LYS A 95 16.60 -14.23 12.64
N LEU A 96 16.98 -13.13 13.27
CA LEU A 96 18.38 -12.95 13.66
C LEU A 96 18.49 -13.48 15.10
N ASP A 97 19.46 -14.35 15.38
CA ASP A 97 19.50 -14.95 16.72
C ASP A 97 19.85 -13.98 17.81
N PHE A 98 20.76 -13.08 17.49
CA PHE A 98 21.17 -12.13 18.48
C PHE A 98 20.11 -11.16 18.93
N VAL A 99 19.01 -11.04 18.18
CA VAL A 99 18.06 -9.96 18.41
C VAL A 99 17.17 -10.23 19.61
N THR A 100 17.17 -9.33 20.58
CA THR A 100 16.19 -9.35 21.67
C THR A 100 14.98 -8.52 21.22
N ASP A 101 14.91 -7.23 21.56
CA ASP A 101 13.84 -6.34 21.08
C ASP A 101 14.17 -5.54 19.78
N ILE A 102 13.11 -5.24 19.02
CA ILE A 102 13.21 -4.47 17.77
C ILE A 102 12.59 -3.06 17.91
N TYR A 103 13.42 -2.10 17.55
CA TYR A 103 13.07 -0.72 17.53
C TYR A 103 13.04 -0.14 16.07
N MET A 104 12.41 1.01 15.93
CA MET A 104 12.36 1.70 14.65
C MET A 104 12.72 3.13 14.83
N ALA A 105 13.61 3.57 13.95
CA ALA A 105 13.82 5.02 13.79
C ALA A 105 13.87 5.39 12.25
N GLY A 106 13.66 6.64 11.91
CA GLY A 106 13.74 7.06 10.53
C GLY A 106 13.58 8.55 10.43
N HIS A 107 14.10 9.10 9.35
CA HIS A 107 14.13 10.54 9.11
C HIS A 107 13.26 10.98 7.94
N SER A 108 12.45 11.99 8.21
CA SER A 108 11.62 12.64 7.23
C SER A 108 10.62 11.63 6.58
N GLN A 109 10.65 11.44 5.27
CA GLN A 109 9.80 10.39 4.65
C GLN A 109 10.03 9.10 5.36
N GLY A 110 11.26 8.85 5.79
CA GLY A 110 11.54 7.64 6.57
C GLY A 110 10.95 7.64 7.95
N GLY A 111 10.84 8.84 8.57
CA GLY A 111 10.12 9.10 9.80
C GLY A 111 8.65 8.83 9.70
N LEU A 112 8.01 9.37 8.65
CA LEU A 112 6.64 8.99 8.30
C LEU A 112 6.48 7.48 8.14
N SER A 113 7.39 6.88 7.38
CA SER A 113 7.28 5.49 7.05
C SER A 113 7.36 4.59 8.31
N VAL A 114 8.29 4.89 9.26
CA VAL A 114 8.28 4.15 10.50
C VAL A 114 7.03 4.43 11.40
N MET A 115 6.48 5.63 11.35
CA MET A 115 5.23 5.90 12.05
C MET A 115 4.16 4.88 11.54
N LEU A 116 4.08 4.69 10.19
CA LEU A 116 3.12 3.75 9.56
C LEU A 116 3.44 2.34 9.89
N ALA A 117 4.71 1.99 9.65
CA ALA A 117 5.18 0.65 9.79
C ALA A 117 5.17 0.15 11.33
N ALA A 118 5.39 1.01 12.27
CA ALA A 118 5.35 0.59 13.72
C ALA A 118 3.90 0.29 14.08
N ALA A 119 2.96 1.15 13.65
CA ALA A 119 1.54 0.81 13.80
C ALA A 119 1.20 -0.57 13.26
N MET A 120 1.60 -0.83 12.02
CA MET A 120 1.35 -2.12 11.41
C MET A 120 2.03 -3.28 12.09
N GLU A 121 3.12 -3.01 12.82
CA GLU A 121 3.87 -4.06 13.51
C GLU A 121 3.80 -3.75 15.04
N ARG A 122 2.66 -3.24 15.47
CA ARG A 122 2.60 -2.64 16.79
C ARG A 122 3.01 -3.58 17.94
N ASP A 123 2.66 -4.83 17.80
CA ASP A 123 3.00 -5.91 18.72
C ASP A 123 4.48 -6.20 18.81
N ILE A 124 5.24 -5.84 17.77
CA ILE A 124 6.64 -6.22 17.59
C ILE A 124 7.59 -5.09 17.90
N ILE A 125 7.21 -3.83 17.73
CA ILE A 125 8.15 -2.74 17.83
C ILE A 125 8.05 -2.02 19.18
N LYS A 126 9.15 -2.07 19.93
CA LYS A 126 9.12 -1.78 21.34
C LYS A 126 9.07 -0.30 21.57
N ALA A 127 9.83 0.45 20.77
CA ALA A 127 9.67 1.88 20.72
C ALA A 127 10.04 2.47 19.32
N LEU A 128 9.59 3.70 19.09
CA LEU A 128 9.59 4.39 17.79
C LEU A 128 10.23 5.77 17.82
N ILE A 129 11.18 6.01 16.90
CA ILE A 129 11.87 7.29 16.80
C ILE A 129 11.73 8.01 15.44
N PRO A 130 10.63 8.76 15.24
CA PRO A 130 10.55 9.57 14.07
C PRO A 130 11.36 10.88 14.25
N LEU A 131 12.31 11.05 13.36
CA LEU A 131 13.20 12.21 13.24
C LEU A 131 12.70 13.08 12.14
N SER A 132 12.20 14.24 12.51
CA SER A 132 11.58 15.23 11.65
C SER A 132 10.75 14.52 10.58
N PRO A 133 9.73 13.78 11.03
CA PRO A 133 8.87 12.98 10.13
C PRO A 133 8.10 13.87 9.19
N ALA A 134 8.18 13.55 7.90
CA ALA A 134 7.34 14.16 6.88
C ALA A 134 5.90 13.62 6.95
N ALA A 135 5.29 13.76 8.12
CA ALA A 135 4.02 13.17 8.41
C ALA A 135 2.82 13.77 7.73
N MET A 136 2.97 14.96 7.14
CA MET A 136 1.91 15.65 6.39
C MET A 136 1.90 15.34 4.90
N ILE A 137 2.82 14.50 4.48
CA ILE A 137 2.89 14.13 3.05
C ILE A 137 1.52 13.73 2.58
N PRO A 138 0.86 12.74 3.21
CA PRO A 138 -0.49 12.38 2.71
C PRO A 138 -1.55 13.49 2.60
N GLU A 139 -1.68 14.30 3.63
CA GLU A 139 -2.73 15.34 3.63
C GLU A 139 -2.42 16.41 2.61
N ILE A 140 -1.18 16.79 2.51
CA ILE A 140 -0.76 17.80 1.58
C ILE A 140 -0.84 17.28 0.17
N ALA A 141 -0.57 15.98 -0.01
CA ALA A 141 -0.84 15.37 -1.34
C ALA A 141 -2.32 15.53 -1.70
N ARG A 142 -3.22 15.24 -0.77
CA ARG A 142 -4.64 15.36 -1.06
C ARG A 142 -5.00 16.82 -1.41
N THR A 143 -4.19 17.77 -0.96
CA THR A 143 -4.51 19.19 -1.14
C THR A 143 -3.73 19.81 -2.28
N GLY A 144 -2.83 19.05 -2.92
CA GLY A 144 -2.18 19.46 -4.14
C GLY A 144 -0.76 19.97 -4.03
N GLU A 145 0.04 19.35 -3.16
CA GLU A 145 1.47 19.64 -3.15
C GLU A 145 2.32 18.45 -2.65
N LEU A 146 3.54 18.40 -3.10
CA LEU A 146 4.48 17.40 -2.63
C LEU A 146 5.84 18.05 -2.61
N LEU A 147 6.31 18.25 -1.41
CA LEU A 147 7.66 18.70 -1.12
C LEU A 147 8.00 19.89 -2.02
N GLY A 148 7.15 20.92 -1.96
CA GLY A 148 7.39 22.21 -2.67
C GLY A 148 6.72 22.27 -4.03
N LEU A 149 6.42 21.12 -4.60
CA LEU A 149 5.82 21.16 -5.90
C LEU A 149 4.31 21.06 -5.80
N LYS A 150 3.59 21.98 -6.46
CA LYS A 150 2.14 21.98 -6.49
C LYS A 150 1.56 21.40 -7.78
N PHE A 151 0.29 20.95 -7.69
CA PHE A 151 -0.42 20.30 -8.78
C PHE A 151 -1.90 20.19 -8.40
N ASP A 152 -2.76 19.91 -9.38
CA ASP A 152 -4.14 19.63 -9.13
C ASP A 152 -4.27 18.20 -8.57
N PRO A 153 -4.78 18.06 -7.31
CA PRO A 153 -4.83 16.76 -6.67
C PRO A 153 -5.90 15.87 -7.27
N GLU A 154 -6.73 16.41 -8.19
CA GLU A 154 -7.72 15.67 -8.90
C GLU A 154 -7.36 15.39 -10.33
N ASN A 155 -6.33 15.99 -10.85
CA ASN A 155 -5.75 15.68 -12.19
C ASN A 155 -4.18 15.64 -12.03
N ILE A 156 -3.74 14.55 -11.44
CA ILE A 156 -2.35 14.42 -11.06
C ILE A 156 -1.55 14.24 -12.36
N PRO A 157 -0.44 14.95 -12.48
CA PRO A 157 0.32 14.68 -13.66
C PRO A 157 1.05 13.35 -13.70
N ASP A 158 1.39 12.94 -14.92
CA ASP A 158 2.05 11.68 -15.12
C ASP A 158 3.41 11.67 -14.46
N GLU A 159 4.10 12.79 -14.47
CA GLU A 159 5.41 12.86 -13.98
C GLU A 159 5.62 14.25 -13.37
N LEU A 160 6.38 14.27 -12.28
CA LEU A 160 6.79 15.45 -11.61
C LEU A 160 8.32 15.49 -11.66
N ASP A 161 8.90 16.65 -12.04
CA ASP A 161 10.37 16.79 -12.18
C ASP A 161 10.83 17.84 -11.24
N ALA A 162 11.64 17.45 -10.27
CA ALA A 162 12.11 18.38 -9.27
C ALA A 162 13.26 17.73 -8.47
N TRP A 163 13.62 18.26 -7.30
CA TRP A 163 14.58 17.57 -6.39
C TRP A 163 15.88 17.22 -7.10
N ASP A 164 16.41 18.20 -7.82
CA ASP A 164 17.79 18.15 -8.30
C ASP A 164 17.96 17.04 -9.29
N GLY A 165 17.16 17.09 -10.33
CA GLY A 165 17.37 16.23 -11.52
C GLY A 165 16.67 14.89 -11.48
N ARG A 166 15.76 14.76 -10.52
CA ARG A 166 14.93 13.54 -10.35
C ARG A 166 13.57 13.64 -11.05
N LYS A 167 12.99 12.50 -11.37
CA LYS A 167 11.62 12.43 -11.88
C LYS A 167 10.85 11.51 -10.93
N LEU A 168 9.56 11.72 -10.89
CA LEU A 168 8.65 10.97 -10.01
C LEU A 168 7.27 10.77 -10.66
N LYS A 169 6.87 9.52 -10.80
CA LYS A 169 5.54 9.23 -11.34
C LYS A 169 4.41 9.70 -10.43
N GLY A 170 3.31 10.11 -11.05
CA GLY A 170 2.11 10.62 -10.32
C GLY A 170 1.56 9.56 -9.39
N ASN A 171 1.93 8.29 -9.66
CA ASN A 171 1.52 7.17 -8.82
C ASN A 171 1.92 7.39 -7.37
N TYR A 172 3.12 7.98 -7.10
CA TYR A 172 3.51 8.36 -5.77
C TYR A 172 2.37 9.15 -5.02
N VAL A 173 1.80 10.10 -5.71
CA VAL A 173 0.74 10.98 -5.20
C VAL A 173 -0.56 10.22 -5.08
N ARG A 174 -0.90 9.44 -6.09
CA ARG A 174 -2.10 8.60 -6.04
C ARG A 174 -2.14 7.66 -4.82
N VAL A 175 -0.98 7.06 -4.52
CA VAL A 175 -0.80 6.23 -3.31
C VAL A 175 -0.83 7.09 -2.01
N ALA A 176 0.01 8.14 -1.91
CA ALA A 176 0.15 8.96 -0.68
C ALA A 176 -1.21 9.51 -0.22
N GLN A 177 -2.05 9.88 -1.14
CA GLN A 177 -3.36 10.44 -0.85
C GLN A 177 -4.25 9.52 -0.09
N THR A 178 -4.00 8.19 -0.17
CA THR A 178 -4.92 7.24 0.44
C THR A 178 -4.63 7.04 1.94
N ILE A 179 -3.49 7.50 2.39
CA ILE A 179 -2.96 7.18 3.67
C ILE A 179 -3.51 8.17 4.72
N ARG A 180 -4.23 7.62 5.71
CA ARG A 180 -4.70 8.41 6.82
CA ARG A 180 -4.71 8.41 6.85
C ARG A 180 -3.76 8.30 8.00
N VAL A 181 -2.83 9.22 8.09
CA VAL A 181 -1.72 9.05 9.05
C VAL A 181 -2.19 8.93 10.54
N GLU A 182 -3.25 9.67 10.84
CA GLU A 182 -3.80 9.75 12.19
C GLU A 182 -4.27 8.38 12.70
N ASP A 183 -4.80 7.51 11.83
CA ASP A 183 -5.13 6.14 12.28
C ASP A 183 -3.91 5.38 12.78
N PHE A 184 -2.79 5.58 12.10
CA PHE A 184 -1.57 4.85 12.43
C PHE A 184 -1.05 5.38 13.78
N VAL A 185 -1.17 6.69 13.98
CA VAL A 185 -0.70 7.32 15.20
C VAL A 185 -1.53 6.75 16.40
N ASP A 186 -2.87 6.71 16.27
CA ASP A 186 -3.78 6.18 17.31
C ASP A 186 -3.52 4.72 17.60
N LYS A 187 -3.05 3.94 16.63
CA LYS A 187 -2.77 2.55 16.92
C LYS A 187 -1.44 2.22 17.59
N TYR A 188 -0.49 3.14 17.67
CA TYR A 188 0.80 2.83 18.30
C TYR A 188 0.86 3.61 19.62
N THR A 189 0.64 2.84 20.70
CA THR A 189 0.51 3.36 22.07
C THR A 189 1.78 3.14 22.88
N LYS A 190 2.79 2.50 22.27
CA LYS A 190 4.04 2.29 22.90
C LYS A 190 4.83 3.57 22.84
N PRO A 191 6.03 3.60 23.47
CA PRO A 191 6.77 4.87 23.53
C PRO A 191 7.34 5.41 22.19
N VAL A 192 7.14 6.71 22.01
CA VAL A 192 7.57 7.45 20.84
C VAL A 192 8.45 8.64 21.28
N LEU A 193 9.65 8.74 20.71
CA LEU A 193 10.37 10.00 20.69
C LEU A 193 10.31 10.64 19.29
N ILE A 194 9.62 11.75 19.20
CA ILE A 194 9.82 12.58 18.03
C ILE A 194 10.90 13.64 18.32
N VAL A 195 11.88 13.74 17.39
CA VAL A 195 12.87 14.83 17.32
C VAL A 195 12.62 15.74 16.12
N HIS A 196 12.73 17.06 16.31
CA HIS A 196 12.44 18.01 15.25
C HIS A 196 13.10 19.40 15.51
N GLY A 197 13.81 19.91 14.47
CA GLY A 197 14.35 21.29 14.54
C GLY A 197 13.28 22.32 14.30
N ASP A 198 13.26 23.43 15.05
CA ASP A 198 12.22 24.44 14.83
C ASP A 198 12.59 25.53 13.80
N GLN A 199 13.70 25.39 13.11
CA GLN A 199 13.85 26.19 11.84
C GLN A 199 13.92 25.18 10.65
N ASP A 200 13.09 24.14 10.71
CA ASP A 200 13.02 23.15 9.63
C ASP A 200 12.30 23.82 8.44
N GLU A 201 12.97 23.85 7.31
CA GLU A 201 12.52 24.47 6.07
CA GLU A 201 12.33 24.51 6.15
C GLU A 201 11.68 23.50 5.19
N ALA A 202 11.87 22.21 5.40
CA ALA A 202 11.33 21.23 4.49
C ALA A 202 10.02 20.69 5.02
N VAL A 203 10.01 20.34 6.28
CA VAL A 203 8.84 19.80 6.95
C VAL A 203 8.55 20.64 8.21
N PRO A 204 7.33 21.17 8.35
CA PRO A 204 7.06 22.14 9.43
C PRO A 204 6.99 21.54 10.86
N TYR A 205 7.75 22.19 11.76
CA TYR A 205 7.89 21.83 13.18
C TYR A 205 6.55 21.56 13.84
N GLU A 206 5.61 22.41 13.54
CA GLU A 206 4.28 22.47 14.19
C GLU A 206 3.40 21.21 13.98
N ALA A 207 3.65 20.48 12.88
CA ALA A 207 2.95 19.21 12.69
C ALA A 207 3.45 18.17 13.65
N SER A 208 4.76 18.24 13.93
CA SER A 208 5.34 17.29 14.84
C SER A 208 4.81 17.53 16.26
N VAL A 209 4.50 18.79 16.57
CA VAL A 209 3.92 19.22 17.87
C VAL A 209 2.51 18.62 17.92
N ALA A 210 1.75 18.81 16.83
CA ALA A 210 0.42 18.20 16.72
C ALA A 210 0.43 16.69 16.85
N PHE A 211 1.34 15.97 16.17
CA PHE A 211 1.46 14.49 16.39
C PHE A 211 1.94 13.97 17.80
N SER A 212 2.91 14.68 18.38
CA SER A 212 3.44 14.37 19.71
C SER A 212 2.31 14.36 20.72
N LYS A 213 1.31 15.21 20.46
CA LYS A 213 0.17 15.28 21.35
C LYS A 213 -0.93 14.25 21.07
N GLN A 214 -1.05 13.82 19.79
CA GLN A 214 -2.03 12.80 19.45
C GLN A 214 -1.62 11.45 19.97
N TYR A 215 -0.34 11.18 19.89
CA TYR A 215 0.18 9.94 20.43
C TYR A 215 -0.16 9.80 21.96
N LYS A 216 -0.45 8.57 22.38
CA LYS A 216 -0.68 8.25 23.77
C LYS A 216 0.61 8.47 24.58
N ASN A 217 1.78 8.01 24.12
CA ASN A 217 2.99 8.16 24.88
C ASN A 217 4.14 8.63 24.01
N CYS A 218 4.11 9.93 23.71
CA CYS A 218 5.17 10.55 22.91
C CYS A 218 5.95 11.69 23.59
N LYS A 219 7.28 11.60 23.58
CA LYS A 219 8.14 12.71 23.96
C LYS A 219 8.61 13.49 22.71
N LEU A 220 8.28 14.77 22.66
CA LEU A 220 8.87 15.72 21.72
C LEU A 220 10.13 16.44 22.21
N VAL A 221 11.26 16.14 21.57
CA VAL A 221 12.49 16.93 21.70
C VAL A 221 12.69 17.98 20.58
N THR A 222 12.72 19.26 20.95
CA THR A 222 13.06 20.29 20.00
C THR A 222 14.59 20.53 19.92
N ILE A 223 15.09 20.73 18.68
CA ILE A 223 16.47 21.12 18.34
C ILE A 223 16.38 22.58 17.99
N PRO A 224 16.75 23.44 18.97
CA PRO A 224 16.55 24.88 18.90
C PRO A 224 17.28 25.46 17.70
N GLY A 225 16.56 26.14 16.84
CA GLY A 225 17.20 26.87 15.75
C GLY A 225 17.61 25.99 14.60
N ASP A 226 17.29 24.70 14.63
CA ASP A 226 17.94 23.82 13.67
C ASP A 226 17.06 23.46 12.43
N THR A 227 17.73 22.84 11.47
CA THR A 227 17.27 22.64 10.10
C THR A 227 16.86 21.15 9.93
N HIS A 228 16.40 20.82 8.72
CA HIS A 228 15.83 19.52 8.44
C HIS A 228 16.73 18.35 8.67
N CYS A 229 17.97 18.47 8.23
CA CYS A 229 18.95 17.42 8.49
C CYS A 229 19.94 17.82 9.59
N TYR A 230 19.59 18.81 10.42
CA TYR A 230 20.37 19.14 11.63
C TYR A 230 21.77 19.64 11.24
N ASP A 231 21.80 20.73 10.47
CA ASP A 231 23.08 21.34 10.06
C ASP A 231 23.85 21.80 11.29
N HIS A 232 23.17 22.63 12.09
CA HIS A 232 23.73 23.27 13.31
C HIS A 232 23.97 22.37 14.54
N HIS A 233 23.11 21.38 14.82
CA HIS A 233 23.14 20.67 16.12
C HIS A 233 22.81 19.19 16.12
N LEU A 234 23.51 18.42 15.32
CA LEU A 234 23.25 17.01 15.21
C LEU A 234 23.52 16.29 16.54
N GLU A 235 24.41 16.88 17.35
CA GLU A 235 24.77 16.28 18.65
C GLU A 235 23.56 16.31 19.57
N LEU A 236 22.71 17.33 19.43
CA LEU A 236 21.51 17.41 20.25
C LEU A 236 20.52 16.30 19.90
N VAL A 237 20.59 15.80 18.65
CA VAL A 237 19.71 14.72 18.20
C VAL A 237 20.26 13.44 18.72
N THR A 238 21.53 13.20 18.49
CA THR A 238 22.18 11.96 18.96
C THR A 238 22.02 11.83 20.52
N GLU A 239 22.08 12.97 21.18
CA GLU A 239 21.94 13.02 22.63
C GLU A 239 20.52 12.59 23.00
N ALA A 240 19.52 13.29 22.45
CA ALA A 240 18.10 12.90 22.60
C ALA A 240 17.81 11.39 22.43
N VAL A 241 18.42 10.79 21.40
CA VAL A 241 18.18 9.42 21.03
C VAL A 241 18.83 8.52 22.01
N LYS A 242 20.01 8.96 22.47
CA LYS A 242 20.78 8.25 23.50
C LYS A 242 19.98 8.16 24.81
N GLU A 243 19.46 9.29 25.28
CA GLU A 243 18.82 9.34 26.57
C GLU A 243 17.55 8.50 26.52
N PHE A 244 16.77 8.66 25.45
CA PHE A 244 15.55 7.87 25.28
C PHE A 244 15.81 6.43 25.23
N MET A 245 16.74 6.01 24.41
CA MET A 245 16.96 4.58 24.31
C MET A 245 17.58 3.91 25.58
N LEU A 246 18.44 4.63 26.32
CA LEU A 246 18.94 4.09 27.62
C LEU A 246 17.76 3.84 28.54
N GLU A 247 16.92 4.86 28.73
CA GLU A 247 15.61 4.65 29.28
C GLU A 247 15.01 3.30 28.77
N GLN A 248 14.83 3.12 27.45
CA GLN A 248 13.99 1.97 26.97
C GLN A 248 14.64 0.63 27.16
N ILE A 249 15.96 0.53 27.02
CA ILE A 249 16.59 -0.82 27.09
C ILE A 249 16.70 -1.28 28.58
N ALA A 250 16.70 -0.31 29.49
CA ALA A 250 16.53 -0.56 30.93
C ALA A 250 15.16 -1.11 31.26
N LYS A 251 14.19 -0.98 30.37
CA LYS A 251 12.87 -1.58 30.63
C LYS A 251 12.35 -2.26 29.34
N GLY B 2 -4.43 -11.66 -27.63
CA GLY B 2 -3.03 -11.81 -27.18
C GLY B 2 -2.83 -12.16 -25.69
N ALA B 3 -1.64 -12.69 -25.35
CA ALA B 3 -1.25 -12.89 -23.97
C ALA B 3 0.10 -12.27 -23.86
N MET B 4 0.41 -11.88 -22.65
CA MET B 4 1.50 -11.02 -22.41
C MET B 4 1.78 -10.99 -20.91
N TYR B 5 3.00 -10.59 -20.57
CA TYR B 5 3.40 -10.33 -19.19
C TYR B 5 3.66 -8.82 -19.04
N ILE B 6 3.12 -8.22 -17.96
CA ILE B 6 3.42 -6.84 -17.59
C ILE B 6 4.39 -6.89 -16.44
N ASP B 7 5.48 -6.19 -16.58
CA ASP B 7 6.44 -6.16 -15.53
C ASP B 7 5.94 -5.27 -14.41
N CYS B 8 6.07 -5.76 -13.20
CA CYS B 8 5.84 -4.93 -12.05
C CYS B 8 6.98 -5.17 -11.08
N ASP B 9 8.00 -4.32 -11.21
CA ASP B 9 9.24 -4.40 -10.40
C ASP B 9 9.92 -5.77 -10.41
N GLY B 10 9.85 -6.47 -11.52
CA GLY B 10 10.48 -7.82 -11.62
C GLY B 10 9.48 -8.97 -11.39
N ILE B 11 8.28 -8.61 -10.96
CA ILE B 11 7.23 -9.60 -10.77
C ILE B 11 6.48 -9.51 -12.08
N LYS B 12 6.45 -10.62 -12.77
CA LYS B 12 5.76 -10.65 -14.02
C LYS B 12 4.32 -10.87 -13.74
N LEU B 13 3.45 -10.05 -14.34
CA LEU B 13 2.05 -10.23 -14.30
C LEU B 13 1.55 -10.74 -15.61
N ASN B 14 0.98 -11.93 -15.51
CA ASN B 14 0.36 -12.56 -16.65
C ASN B 14 -0.90 -11.82 -16.93
N ALA B 15 -1.15 -11.48 -18.20
CA ALA B 15 -2.42 -10.90 -18.64
C ALA B 15 -2.89 -11.40 -20.03
N TYR B 16 -4.17 -11.14 -20.32
CA TYR B 16 -4.84 -11.47 -21.54
C TYR B 16 -5.52 -10.19 -21.99
N LEU B 17 -5.18 -9.79 -23.24
CA LEU B 17 -5.84 -8.76 -23.97
C LEU B 17 -6.67 -9.41 -25.03
N ASP B 18 -7.98 -9.22 -24.92
CA ASP B 18 -8.89 -9.68 -25.93
C ASP B 18 -9.60 -8.48 -26.54
N MET B 19 -9.57 -8.44 -27.88
CA MET B 19 -10.16 -7.39 -28.67
C MET B 19 -11.63 -7.70 -29.02
N PRO B 20 -12.42 -6.65 -29.32
CA PRO B 20 -13.83 -6.83 -29.64
C PRO B 20 -14.16 -7.54 -30.97
N LYS B 21 -13.16 -7.73 -31.84
CA LYS B 21 -13.35 -8.53 -33.08
C LYS B 21 -14.70 -8.32 -33.79
N ASN B 22 -15.07 -7.13 -34.29
CA ASN B 22 -14.30 -6.13 -35.09
C ASN B 22 -12.94 -6.42 -35.79
N ASN B 23 -11.94 -5.53 -35.86
CA ASN B 23 -11.15 -4.99 -34.74
C ASN B 23 -11.61 -4.47 -33.38
N PRO B 24 -12.08 -3.20 -33.28
CA PRO B 24 -11.95 -2.08 -34.24
C PRO B 24 -10.62 -1.37 -34.11
N GLU B 25 -10.51 -0.28 -34.85
CA GLU B 25 -9.35 0.59 -34.84
C GLU B 25 -9.12 1.19 -33.44
N LYS B 26 -10.14 1.84 -32.91
CA LYS B 26 -10.15 2.49 -31.59
C LYS B 26 -11.39 2.01 -30.82
N CYS B 27 -11.21 1.67 -29.56
CA CYS B 27 -12.34 1.14 -28.73
C CYS B 27 -12.04 1.31 -27.23
N PRO B 28 -13.06 1.14 -26.37
CA PRO B 28 -12.80 1.17 -24.93
C PRO B 28 -12.19 -0.12 -24.45
N LEU B 29 -11.57 -0.04 -23.27
CA LEU B 29 -10.92 -1.17 -22.64
C LEU B 29 -11.40 -1.32 -21.19
N CYS B 30 -11.77 -2.55 -20.79
CA CYS B 30 -12.07 -2.85 -19.36
C CYS B 30 -10.97 -3.71 -18.73
N ILE B 31 -10.44 -3.29 -17.60
CA ILE B 31 -9.45 -4.11 -16.81
C ILE B 31 -10.33 -4.93 -15.92
N ILE B 32 -9.97 -6.19 -15.80
CA ILE B 32 -10.75 -7.19 -15.04
C ILE B 32 -9.77 -7.92 -14.10
N ILE B 33 -10.05 -7.83 -12.79
CA ILE B 33 -9.28 -8.39 -11.73
C ILE B 33 -10.09 -9.50 -10.98
N HIS B 34 -9.49 -10.71 -10.95
CA HIS B 34 -10.04 -11.90 -10.27
C HIS B 34 -9.89 -11.71 -8.70
N GLY B 35 -10.42 -12.68 -7.95
CA GLY B 35 -10.40 -12.68 -6.51
C GLY B 35 -9.38 -13.59 -5.88
N PHE B 36 -9.51 -13.72 -4.55
CA PHE B 36 -8.55 -14.40 -3.64
C PHE B 36 -8.58 -15.89 -3.99
N THR B 37 -7.42 -16.43 -4.31
CA THR B 37 -7.15 -17.76 -4.95
C THR B 37 -7.69 -17.96 -6.37
N GLY B 38 -8.23 -16.90 -6.97
CA GLY B 38 -8.80 -16.97 -8.32
C GLY B 38 -7.76 -16.66 -9.41
N HIS B 39 -8.24 -16.51 -10.63
CA HIS B 39 -7.36 -16.29 -11.79
C HIS B 39 -8.21 -15.88 -12.96
N SER B 40 -7.57 -15.37 -14.01
CA SER B 40 -8.22 -14.78 -15.17
C SER B 40 -8.97 -15.74 -16.13
N GLU B 41 -8.72 -17.03 -15.96
CA GLU B 41 -9.44 -18.07 -16.71
C GLU B 41 -10.64 -18.71 -15.98
N GLU B 42 -11.08 -18.17 -14.85
CA GLU B 42 -12.28 -18.70 -14.20
C GLU B 42 -13.49 -18.36 -15.02
N ARG B 43 -14.46 -19.25 -14.94
CA ARG B 43 -15.74 -19.18 -15.65
C ARG B 43 -16.43 -17.82 -15.63
N HIS B 44 -16.59 -17.30 -14.42
CA HIS B 44 -17.33 -16.04 -14.23
C HIS B 44 -16.56 -14.89 -14.86
N ILE B 45 -15.25 -14.91 -14.77
CA ILE B 45 -14.39 -13.87 -15.34
C ILE B 45 -14.38 -13.88 -16.85
N VAL B 46 -14.10 -15.07 -17.39
CA VAL B 46 -14.17 -15.33 -18.85
C VAL B 46 -15.55 -14.88 -19.37
N ALA B 47 -16.60 -15.30 -18.71
CA ALA B 47 -17.94 -14.98 -19.19
C ALA B 47 -18.16 -13.49 -19.29
N VAL B 48 -17.78 -12.75 -18.27
CA VAL B 48 -17.87 -11.27 -18.31
C VAL B 48 -16.98 -10.71 -19.38
N GLN B 49 -15.76 -11.25 -19.48
CA GLN B 49 -14.86 -10.83 -20.53
C GLN B 49 -15.50 -10.96 -21.93
N GLU B 50 -16.10 -12.12 -22.23
CA GLU B 50 -16.64 -12.38 -23.58
C GLU B 50 -17.79 -11.45 -23.89
N THR B 51 -18.65 -11.23 -22.91
CA THR B 51 -19.79 -10.31 -23.01
C THR B 51 -19.36 -8.90 -23.38
N LEU B 52 -18.27 -8.43 -22.78
CA LEU B 52 -17.80 -7.09 -23.07
C LEU B 52 -17.28 -7.03 -24.48
N ASN B 53 -16.50 -8.06 -24.83
CA ASN B 53 -15.87 -8.18 -26.16
C ASN B 53 -17.00 -8.13 -27.22
N GLU B 54 -18.11 -8.78 -26.92
CA GLU B 54 -19.25 -8.84 -27.82
C GLU B 54 -19.89 -7.50 -28.04
N ILE B 55 -19.83 -6.61 -27.06
CA ILE B 55 -20.47 -5.31 -27.28
C ILE B 55 -19.49 -4.20 -27.60
N GLY B 56 -18.29 -4.57 -28.04
CA GLY B 56 -17.32 -3.58 -28.56
C GLY B 56 -16.23 -3.07 -27.62
N VAL B 57 -16.05 -3.73 -26.48
CA VAL B 57 -15.09 -3.24 -25.47
C VAL B 57 -13.91 -4.24 -25.40
N ALA B 58 -12.68 -3.83 -25.70
CA ALA B 58 -11.54 -4.66 -25.33
C ALA B 58 -11.44 -4.97 -23.78
N THR B 59 -10.86 -6.14 -23.50
CA THR B 59 -10.69 -6.60 -22.12
C THR B 59 -9.24 -6.85 -21.85
N LEU B 60 -8.80 -6.44 -20.68
CA LEU B 60 -7.49 -6.80 -20.22
C LEU B 60 -7.62 -7.49 -18.88
N ARG B 61 -7.63 -8.82 -18.90
CA ARG B 61 -7.67 -9.60 -17.68
C ARG B 61 -6.26 -9.78 -17.13
N ALA B 62 -6.07 -9.51 -15.86
CA ALA B 62 -4.74 -9.65 -15.29
C ALA B 62 -4.68 -10.50 -14.05
N ASP B 63 -3.72 -11.45 -14.03
CA ASP B 63 -3.40 -12.21 -12.85
C ASP B 63 -2.54 -11.35 -11.88
N MET B 64 -3.02 -11.24 -10.63
CA MET B 64 -2.35 -10.47 -9.56
C MET B 64 -1.26 -11.32 -8.91
N TYR B 65 -0.41 -10.65 -8.12
CA TYR B 65 0.71 -11.27 -7.41
C TYR B 65 0.21 -12.52 -6.73
N GLY B 66 1.01 -13.60 -6.90
CA GLY B 66 0.76 -14.87 -6.31
C GLY B 66 -0.41 -15.62 -6.80
N HIS B 67 -0.97 -15.23 -7.95
CA HIS B 67 -2.20 -15.80 -8.48
C HIS B 67 -2.03 -16.16 -9.98
N GLY B 68 -2.76 -17.19 -10.41
CA GLY B 68 -2.79 -17.57 -11.85
C GLY B 68 -1.38 -17.89 -12.35
N LYS B 69 -0.96 -17.14 -13.37
CA LYS B 69 0.33 -17.38 -14.00
C LYS B 69 1.32 -16.29 -13.69
N SER B 70 0.98 -15.41 -12.73
CA SER B 70 1.92 -14.41 -12.33
C SER B 70 2.94 -14.91 -11.35
N ASP B 71 4.02 -14.13 -11.20
CA ASP B 71 5.02 -14.37 -10.22
C ASP B 71 4.53 -14.13 -8.78
N GLY B 72 5.35 -14.64 -7.86
CA GLY B 72 5.25 -14.51 -6.40
C GLY B 72 4.45 -15.67 -5.81
N LYS B 73 4.64 -15.90 -4.52
CA LYS B 73 3.86 -16.90 -3.76
C LYS B 73 2.59 -16.31 -3.19
N PHE B 74 1.56 -17.14 -3.20
CA PHE B 74 0.22 -16.81 -2.68
C PHE B 74 0.29 -16.25 -1.27
N GLU B 75 1.13 -16.84 -0.43
CA GLU B 75 1.23 -16.49 0.98
C GLU B 75 1.86 -15.12 1.25
N ASP B 76 2.58 -14.63 0.27
CA ASP B 76 3.23 -13.30 0.29
C ASP B 76 2.39 -12.14 -0.32
N HIS B 77 1.24 -12.41 -0.90
CA HIS B 77 0.42 -11.36 -1.49
C HIS B 77 -0.27 -10.54 -0.37
N THR B 78 -0.42 -9.25 -0.64
CA THR B 78 -1.17 -8.31 0.17
C THR B 78 -1.95 -7.39 -0.79
N LEU B 79 -2.84 -6.64 -0.18
CA LEU B 79 -3.61 -5.68 -0.94
C LEU B 79 -2.76 -4.55 -1.51
N PHE B 80 -1.69 -4.18 -0.83
CA PHE B 80 -0.81 -3.18 -1.35
C PHE B 80 -0.06 -3.67 -2.66
N LYS B 81 0.33 -4.95 -2.67
CA LYS B 81 0.94 -5.62 -3.86
C LYS B 81 -0.09 -5.62 -4.95
N TRP B 82 -1.30 -6.04 -4.64
CA TRP B 82 -2.36 -6.05 -5.68
C TRP B 82 -2.61 -4.63 -6.28
N LEU B 83 -2.65 -3.64 -5.39
CA LEU B 83 -2.92 -2.30 -5.87
C LEU B 83 -1.76 -1.77 -6.73
N THR B 84 -0.56 -2.07 -6.28
CA THR B 84 0.61 -1.69 -7.01
C THR B 84 0.57 -2.35 -8.43
N ASN B 85 0.23 -3.65 -8.45
CA ASN B 85 0.00 -4.44 -9.68
C ASN B 85 -1.04 -3.78 -10.60
N ILE B 86 -2.17 -3.36 -10.02
CA ILE B 86 -3.22 -2.66 -10.76
C ILE B 86 -2.77 -1.33 -11.39
N LEU B 87 -1.97 -0.54 -10.68
CA LEU B 87 -1.52 0.68 -11.23
C LEU B 87 -0.54 0.39 -12.40
N ALA B 88 0.32 -0.64 -12.28
CA ALA B 88 1.09 -1.10 -13.48
C ALA B 88 0.25 -1.54 -14.69
N VAL B 89 -0.85 -2.25 -14.45
CA VAL B 89 -1.81 -2.57 -15.50
C VAL B 89 -2.42 -1.34 -16.11
N VAL B 90 -2.84 -0.40 -15.28
CA VAL B 90 -3.37 0.83 -15.80
C VAL B 90 -2.31 1.55 -16.61
N ASP B 91 -1.05 1.56 -16.16
CA ASP B 91 0.00 2.32 -16.82
C ASP B 91 0.31 1.72 -18.21
N TYR B 92 0.24 0.40 -18.31
CA TYR B 92 0.34 -0.31 -19.54
C TYR B 92 -0.84 0.01 -20.48
N ALA B 93 -2.07 -0.07 -19.95
CA ALA B 93 -3.23 0.26 -20.76
C ALA B 93 -3.19 1.67 -21.36
N LYS B 94 -2.67 2.64 -20.61
CA LYS B 94 -2.74 4.02 -21.03
C LYS B 94 -1.79 4.22 -22.20
N LYS B 95 -0.87 3.29 -22.43
CA LYS B 95 0.02 3.37 -23.58
C LYS B 95 -0.49 2.70 -24.86
N LEU B 96 -1.53 1.88 -24.76
CA LEU B 96 -2.09 1.24 -25.93
C LEU B 96 -2.76 2.25 -26.87
N ASP B 97 -2.39 2.22 -28.16
CA ASP B 97 -2.87 3.27 -29.10
C ASP B 97 -4.33 3.17 -29.39
N PHE B 98 -4.90 1.98 -29.43
CA PHE B 98 -6.31 1.82 -29.74
C PHE B 98 -7.34 2.22 -28.66
N VAL B 99 -6.85 2.47 -27.43
CA VAL B 99 -7.74 2.63 -26.26
C VAL B 99 -8.37 3.99 -26.25
N THR B 100 -9.69 4.02 -26.22
CA THR B 100 -10.38 5.29 -25.92
C THR B 100 -10.60 5.47 -24.36
N ASP B 101 -11.68 4.90 -23.82
CA ASP B 101 -12.01 5.00 -22.38
C ASP B 101 -11.55 3.78 -21.62
N ILE B 102 -11.18 3.96 -20.33
CA ILE B 102 -10.74 2.83 -19.49
C ILE B 102 -11.78 2.72 -18.38
N TYR B 103 -12.32 1.51 -18.29
CA TYR B 103 -13.17 1.02 -17.25
C TYR B 103 -12.43 -0.01 -16.33
N MET B 104 -13.00 -0.26 -15.15
CA MET B 104 -12.50 -1.38 -14.34
C MET B 104 -13.64 -2.25 -13.93
N ALA B 105 -13.37 -3.54 -13.89
CA ALA B 105 -14.23 -4.50 -13.23
C ALA B 105 -13.46 -5.53 -12.42
N GLY B 106 -14.14 -6.22 -11.49
CA GLY B 106 -13.46 -7.16 -10.64
C GLY B 106 -14.38 -7.95 -9.77
N HIS B 107 -13.97 -9.18 -9.43
CA HIS B 107 -14.78 -10.08 -8.63
C HIS B 107 -14.18 -10.32 -7.24
N SER B 108 -14.99 -10.06 -6.22
CA SER B 108 -14.67 -10.44 -4.82
C SER B 108 -13.52 -9.64 -4.28
N GLN B 109 -12.40 -10.25 -3.91
CA GLN B 109 -11.24 -9.45 -3.55
C GLN B 109 -10.80 -8.52 -4.67
N GLY B 110 -10.98 -8.94 -5.91
CA GLY B 110 -10.72 -8.09 -7.11
C GLY B 110 -11.75 -6.99 -7.28
N GLY B 111 -12.97 -7.24 -6.81
CA GLY B 111 -14.03 -6.19 -6.66
C GLY B 111 -13.64 -5.09 -5.69
N LEU B 112 -13.16 -5.49 -4.49
CA LEU B 112 -12.54 -4.56 -3.57
C LEU B 112 -11.38 -3.82 -4.16
N SER B 113 -10.48 -4.56 -4.79
CA SER B 113 -9.34 -3.91 -5.38
C SER B 113 -9.68 -2.85 -6.42
N VAL B 114 -10.69 -3.13 -7.26
CA VAL B 114 -11.13 -2.11 -8.25
C VAL B 114 -11.86 -0.93 -7.60
N MET B 115 -12.56 -1.18 -6.52
CA MET B 115 -13.13 -0.05 -5.75
C MET B 115 -12.01 0.81 -5.28
N LEU B 116 -10.91 0.21 -4.78
CA LEU B 116 -9.80 1.07 -4.30
C LEU B 116 -9.05 1.75 -5.42
N ALA B 117 -8.68 0.95 -6.42
CA ALA B 117 -7.87 1.46 -7.55
C ALA B 117 -8.57 2.54 -8.38
N ALA B 118 -9.86 2.39 -8.56
CA ALA B 118 -10.64 3.36 -9.30
C ALA B 118 -10.65 4.73 -8.67
N ALA B 119 -10.82 4.78 -7.35
CA ALA B 119 -10.66 6.02 -6.62
C ALA B 119 -9.26 6.60 -6.81
N MET B 120 -8.23 5.76 -6.67
CA MET B 120 -6.88 6.23 -6.89
C MET B 120 -6.61 6.72 -8.33
N GLU B 121 -7.34 6.11 -9.27
CA GLU B 121 -7.32 6.50 -10.69
C GLU B 121 -8.57 7.22 -11.18
N ARG B 122 -9.20 7.99 -10.30
CA ARG B 122 -10.54 8.51 -10.52
C ARG B 122 -10.70 9.49 -11.73
N ASP B 123 -9.64 10.16 -12.11
CA ASP B 123 -9.60 10.99 -13.33
C ASP B 123 -9.47 10.19 -14.62
N ILE B 124 -9.11 8.92 -14.52
CA ILE B 124 -8.83 8.05 -15.68
C ILE B 124 -9.92 7.07 -15.87
N ILE B 125 -10.54 6.53 -14.81
CA ILE B 125 -11.45 5.37 -14.95
C ILE B 125 -12.93 5.83 -15.11
N LYS B 126 -13.52 5.48 -16.26
CA LYS B 126 -14.84 6.04 -16.63
C LYS B 126 -16.08 5.49 -15.90
N ALA B 127 -16.06 4.21 -15.70
CA ALA B 127 -17.09 3.57 -14.86
C ALA B 127 -16.45 2.34 -14.18
N LEU B 128 -17.16 1.80 -13.17
CA LEU B 128 -16.57 0.80 -12.26
C LEU B 128 -17.61 -0.26 -11.99
N ILE B 129 -17.24 -1.52 -12.06
CA ILE B 129 -18.11 -2.60 -11.84
C ILE B 129 -17.49 -3.62 -10.83
N PRO B 130 -17.77 -3.41 -9.53
CA PRO B 130 -17.52 -4.47 -8.56
C PRO B 130 -18.63 -5.54 -8.50
N LEU B 131 -18.19 -6.77 -8.76
CA LEU B 131 -18.92 -7.99 -8.74
C LEU B 131 -18.66 -8.78 -7.49
N SER B 132 -19.72 -8.89 -6.67
CA SER B 132 -19.69 -9.43 -5.31
C SER B 132 -18.45 -8.97 -4.55
N PRO B 133 -18.28 -7.65 -4.38
CA PRO B 133 -16.98 -7.22 -3.82
C PRO B 133 -16.76 -7.59 -2.36
N ALA B 134 -15.56 -8.06 -2.05
CA ALA B 134 -15.18 -8.48 -0.68
C ALA B 134 -14.74 -7.29 0.12
N ALA B 135 -15.60 -6.30 0.16
CA ALA B 135 -15.22 -5.00 0.65
C ALA B 135 -15.21 -4.88 2.16
N MET B 136 -15.66 -5.95 2.85
CA MET B 136 -15.54 -6.09 4.31
C MET B 136 -14.18 -6.63 4.78
N ILE B 137 -13.31 -7.01 3.85
CA ILE B 137 -12.05 -7.60 4.26
C ILE B 137 -11.27 -6.68 5.25
N PRO B 138 -11.11 -5.39 4.96
CA PRO B 138 -10.35 -4.61 5.99
C PRO B 138 -11.01 -4.55 7.38
N GLU B 139 -12.35 -4.45 7.40
CA GLU B 139 -13.10 -4.41 8.67
C GLU B 139 -12.93 -5.73 9.44
N ILE B 140 -13.09 -6.88 8.76
CA ILE B 140 -12.91 -8.17 9.48
C ILE B 140 -11.43 -8.52 9.80
N ALA B 141 -10.48 -7.96 9.03
CA ALA B 141 -9.08 -7.96 9.46
C ALA B 141 -8.84 -7.17 10.80
N ARG B 142 -9.43 -5.96 10.86
CA ARG B 142 -9.51 -5.21 12.09
C ARG B 142 -10.18 -5.95 13.30
N THR B 143 -11.09 -6.90 13.06
CA THR B 143 -11.76 -7.60 14.14
C THR B 143 -11.21 -9.00 14.40
N GLY B 144 -10.32 -9.49 13.54
CA GLY B 144 -9.65 -10.78 13.78
C GLY B 144 -10.46 -11.97 13.32
N GLU B 145 -11.32 -11.70 12.34
CA GLU B 145 -12.22 -12.75 11.85
C GLU B 145 -12.07 -13.06 10.38
N LEU B 146 -10.94 -13.52 9.96
CA LEU B 146 -10.69 -13.67 8.53
C LEU B 146 -10.61 -15.17 8.34
N LEU B 147 -11.16 -15.69 7.25
CA LEU B 147 -11.00 -17.06 6.80
C LEU B 147 -11.57 -18.19 7.69
N GLY B 148 -12.70 -17.93 8.33
CA GLY B 148 -13.25 -18.86 9.37
C GLY B 148 -12.42 -19.00 10.65
N LEU B 149 -11.48 -18.04 10.87
CA LEU B 149 -10.53 -18.10 12.01
C LEU B 149 -10.88 -16.97 12.93
N LYS B 150 -10.51 -17.13 14.20
CA LYS B 150 -10.52 -16.05 15.14
C LYS B 150 -9.09 -15.89 15.72
N PHE B 151 -8.58 -14.66 15.66
CA PHE B 151 -7.25 -14.32 16.09
C PHE B 151 -7.35 -12.95 16.70
N ASP B 152 -6.32 -12.58 17.47
CA ASP B 152 -6.22 -11.24 18.09
C ASP B 152 -5.84 -10.19 17.01
N PRO B 153 -6.70 -9.21 16.67
CA PRO B 153 -6.17 -8.32 15.61
C PRO B 153 -4.97 -7.48 16.05
N GLU B 154 -4.62 -7.56 17.34
CA GLU B 154 -3.46 -6.84 17.90
C GLU B 154 -2.23 -7.67 18.05
N ASN B 155 -2.33 -8.99 17.81
CA ASN B 155 -1.18 -9.89 17.90
C ASN B 155 -1.35 -10.90 16.81
N ILE B 156 -1.25 -10.42 15.58
CA ILE B 156 -1.51 -11.20 14.40
C ILE B 156 -0.52 -12.34 14.24
N PRO B 157 -1.02 -13.55 14.00
CA PRO B 157 -0.13 -14.66 13.76
C PRO B 157 0.75 -14.50 12.52
N ASP B 158 1.91 -15.15 12.56
CA ASP B 158 2.88 -15.12 11.47
C ASP B 158 2.29 -15.75 10.26
N GLU B 159 1.42 -16.72 10.47
CA GLU B 159 0.86 -17.47 9.35
C GLU B 159 -0.53 -17.88 9.68
N LEU B 160 -1.46 -17.70 8.74
CA LEU B 160 -2.82 -18.18 8.86
C LEU B 160 -3.09 -19.26 7.86
N ASP B 161 -3.90 -20.25 8.24
CA ASP B 161 -4.39 -21.24 7.26
C ASP B 161 -5.48 -20.69 6.31
N ALA B 162 -5.29 -20.93 5.02
CA ALA B 162 -6.21 -20.39 4.02
C ALA B 162 -6.90 -21.55 3.31
N TRP B 163 -7.50 -21.25 2.17
CA TRP B 163 -8.32 -22.22 1.46
C TRP B 163 -7.42 -23.34 0.92
N ASP B 164 -7.78 -24.59 1.27
CA ASP B 164 -7.32 -25.83 0.59
C ASP B 164 -5.87 -26.07 0.75
N GLY B 165 -5.43 -26.04 2.00
CA GLY B 165 -4.00 -26.18 2.33
C GLY B 165 -3.06 -24.99 2.05
N ARG B 166 -3.60 -23.89 1.54
CA ARG B 166 -2.78 -22.70 1.35
C ARG B 166 -2.44 -22.04 2.69
N LYS B 167 -1.38 -21.27 2.72
CA LYS B 167 -1.03 -20.50 3.88
C LYS B 167 -1.10 -19.04 3.44
N LEU B 168 -1.27 -18.15 4.44
CA LEU B 168 -1.31 -16.70 4.20
C LEU B 168 -0.54 -16.01 5.29
N LYS B 169 0.48 -15.25 4.92
CA LYS B 169 1.25 -14.59 5.95
C LYS B 169 0.40 -13.52 6.59
N GLY B 170 0.78 -13.23 7.82
CA GLY B 170 0.14 -12.26 8.68
C GLY B 170 0.31 -10.86 8.15
N ASN B 171 1.30 -10.63 7.29
CA ASN B 171 1.42 -9.33 6.63
C ASN B 171 0.15 -8.92 5.83
N TYR B 172 -0.51 -9.91 5.20
CA TYR B 172 -1.77 -9.72 4.53
C TYR B 172 -2.74 -8.91 5.43
N VAL B 173 -2.91 -9.40 6.64
CA VAL B 173 -3.75 -8.77 7.68
C VAL B 173 -3.20 -7.42 8.13
N ARG B 174 -1.91 -7.33 8.40
CA ARG B 174 -1.37 -6.10 8.88
C ARG B 174 -1.66 -4.99 7.79
N VAL B 175 -1.53 -5.36 6.50
CA VAL B 175 -1.79 -4.40 5.42
C VAL B 175 -3.30 -4.08 5.34
N ALA B 176 -4.15 -5.13 5.30
CA ALA B 176 -5.62 -4.94 5.20
C ALA B 176 -6.20 -4.07 6.28
N GLN B 177 -5.75 -4.21 7.54
CA GLN B 177 -6.25 -3.38 8.62
C GLN B 177 -6.11 -1.92 8.33
N THR B 178 -5.15 -1.57 7.51
CA THR B 178 -4.95 -0.10 7.30
C THR B 178 -5.96 0.57 6.36
N ILE B 179 -6.75 -0.18 5.59
CA ILE B 179 -7.46 0.36 4.49
C ILE B 179 -8.90 0.77 4.91
N ARG B 180 -9.22 2.04 4.73
CA ARG B 180 -10.55 2.57 5.04
CA ARG B 180 -10.50 2.63 5.06
C ARG B 180 -11.32 2.61 3.77
N VAL B 181 -12.01 1.51 3.50
CA VAL B 181 -12.72 1.36 2.22
C VAL B 181 -13.64 2.56 1.96
N GLU B 182 -14.32 3.02 3.02
CA GLU B 182 -15.30 4.10 2.86
C GLU B 182 -14.70 5.36 2.27
N ASP B 183 -13.43 5.66 2.54
CA ASP B 183 -12.77 6.84 1.97
C ASP B 183 -12.71 6.72 0.43
N PHE B 184 -12.45 5.50 -0.06
CA PHE B 184 -12.27 5.28 -1.50
C PHE B 184 -13.63 5.31 -2.20
N VAL B 185 -14.64 4.81 -1.52
CA VAL B 185 -16.00 4.87 -2.00
C VAL B 185 -16.37 6.38 -2.19
N ASP B 186 -16.06 7.18 -1.19
CA ASP B 186 -16.44 8.60 -1.24
C ASP B 186 -15.77 9.29 -2.39
N LYS B 187 -14.56 8.86 -2.75
CA LYS B 187 -13.77 9.57 -3.73
C LYS B 187 -14.04 9.22 -5.17
N TYR B 188 -14.82 8.19 -5.43
CA TYR B 188 -15.15 7.77 -6.78
C TYR B 188 -16.65 8.10 -7.05
N THR B 189 -16.88 9.19 -7.79
CA THR B 189 -18.20 9.72 -7.98
C THR B 189 -18.80 9.49 -9.35
N LYS B 190 -18.11 8.71 -10.23
CA LYS B 190 -18.58 8.28 -11.53
C LYS B 190 -19.47 7.06 -11.41
N PRO B 191 -20.05 6.58 -12.55
CA PRO B 191 -20.98 5.49 -12.45
C PRO B 191 -20.38 4.14 -11.97
N VAL B 192 -21.09 3.51 -11.02
CA VAL B 192 -20.76 2.25 -10.52
C VAL B 192 -21.92 1.33 -10.71
N LEU B 193 -21.63 0.08 -11.11
CA LEU B 193 -22.56 -1.01 -11.09
C LEU B 193 -22.09 -2.08 -10.11
N ILE B 194 -22.78 -2.24 -8.99
CA ILE B 194 -22.48 -3.38 -8.13
C ILE B 194 -23.41 -4.52 -8.40
N VAL B 195 -22.86 -5.73 -8.48
CA VAL B 195 -23.65 -6.93 -8.63
C VAL B 195 -23.34 -7.91 -7.50
N HIS B 196 -24.38 -8.48 -6.90
CA HIS B 196 -24.16 -9.38 -5.79
C HIS B 196 -25.30 -10.36 -5.68
N GLY B 197 -24.99 -11.64 -5.53
CA GLY B 197 -26.00 -12.66 -5.30
C GLY B 197 -26.42 -12.74 -3.85
N ASP B 198 -27.72 -12.83 -3.59
CA ASP B 198 -28.21 -12.72 -2.21
C ASP B 198 -28.17 -13.97 -1.39
N GLN B 199 -27.56 -15.06 -1.89
CA GLN B 199 -27.19 -16.25 -1.06
C GLN B 199 -25.69 -16.46 -1.14
N ASP B 200 -24.92 -15.34 -1.17
CA ASP B 200 -23.45 -15.37 -1.21
C ASP B 200 -22.87 -15.85 0.13
N GLU B 201 -22.37 -17.06 0.04
CA GLU B 201 -21.62 -17.85 1.00
C GLU B 201 -20.35 -17.21 1.63
N ALA B 202 -19.65 -16.38 0.84
CA ALA B 202 -18.32 -15.91 1.18
C ALA B 202 -18.31 -14.45 1.59
N VAL B 203 -19.21 -13.66 1.03
CA VAL B 203 -19.18 -12.24 1.19
C VAL B 203 -20.61 -11.78 1.36
N PRO B 204 -20.96 -11.27 2.53
CA PRO B 204 -22.38 -10.88 2.71
C PRO B 204 -22.94 -9.82 1.77
N TYR B 205 -24.02 -10.21 1.10
CA TYR B 205 -24.81 -9.36 0.23
C TYR B 205 -25.05 -7.93 0.79
N GLU B 206 -25.41 -7.83 2.07
CA GLU B 206 -25.92 -6.57 2.68
C GLU B 206 -24.90 -5.44 2.67
N ALA B 207 -23.65 -5.84 2.73
CA ALA B 207 -22.53 -4.90 2.65
C ALA B 207 -22.54 -4.16 1.33
N SER B 208 -22.84 -4.88 0.25
CA SER B 208 -23.00 -4.21 -1.06
C SER B 208 -24.20 -3.27 -1.16
N VAL B 209 -25.26 -3.56 -0.42
CA VAL B 209 -26.35 -2.60 -0.29
C VAL B 209 -25.85 -1.30 0.32
N ALA B 210 -25.15 -1.41 1.43
CA ALA B 210 -24.67 -0.24 2.10
C ALA B 210 -23.71 0.58 1.24
N PHE B 211 -22.74 -0.10 0.60
CA PHE B 211 -21.83 0.62 -0.31
C PHE B 211 -22.54 1.26 -1.44
N SER B 212 -23.55 0.57 -1.97
CA SER B 212 -24.27 1.14 -3.08
C SER B 212 -24.99 2.42 -2.76
N LYS B 213 -25.36 2.65 -1.49
CA LYS B 213 -26.01 3.89 -1.08
C LYS B 213 -25.03 4.95 -0.79
N GLN B 214 -23.84 4.53 -0.29
CA GLN B 214 -22.80 5.49 -0.06
C GLN B 214 -22.26 6.14 -1.35
N TYR B 215 -22.07 5.33 -2.37
CA TYR B 215 -21.59 5.90 -3.66
C TYR B 215 -22.56 6.95 -4.16
N LYS B 216 -22.02 8.01 -4.73
CA LYS B 216 -22.85 9.06 -5.37
C LYS B 216 -23.66 8.55 -6.55
N ASN B 217 -23.17 7.52 -7.23
CA ASN B 217 -23.84 7.05 -8.48
C ASN B 217 -23.68 5.59 -8.75
N CYS B 218 -24.41 4.78 -7.99
CA CYS B 218 -24.25 3.38 -8.06
C CYS B 218 -25.59 2.65 -8.22
N LYS B 219 -25.61 1.71 -9.14
CA LYS B 219 -26.74 0.85 -9.31
C LYS B 219 -26.36 -0.49 -8.77
N LEU B 220 -27.24 -1.09 -7.98
CA LEU B 220 -27.07 -2.40 -7.44
C LEU B 220 -27.97 -3.35 -8.12
N VAL B 221 -27.42 -4.44 -8.59
CA VAL B 221 -28.22 -5.43 -9.17
C VAL B 221 -28.03 -6.66 -8.30
N THR B 222 -29.11 -7.07 -7.68
CA THR B 222 -29.17 -8.31 -6.94
C THR B 222 -29.35 -9.51 -7.83
N ILE B 223 -28.62 -10.59 -7.57
CA ILE B 223 -28.89 -11.84 -8.27
C ILE B 223 -29.55 -12.76 -7.27
N PRO B 224 -30.91 -12.86 -7.35
CA PRO B 224 -31.60 -13.63 -6.31
C PRO B 224 -31.35 -15.12 -6.41
N GLY B 225 -31.01 -15.67 -5.26
CA GLY B 225 -30.68 -17.06 -5.12
C GLY B 225 -29.23 -17.41 -5.33
N ASP B 226 -28.38 -16.46 -5.76
CA ASP B 226 -27.10 -16.92 -6.28
C ASP B 226 -25.98 -16.87 -5.25
N THR B 227 -24.94 -17.60 -5.63
CA THR B 227 -23.76 -17.88 -4.87
C THR B 227 -22.65 -16.85 -5.18
N HIS B 228 -21.51 -17.00 -4.53
CA HIS B 228 -20.36 -16.14 -4.71
C HIS B 228 -19.83 -16.12 -6.14
N CYS B 229 -19.72 -17.28 -6.77
CA CYS B 229 -19.28 -17.33 -8.19
C CYS B 229 -20.41 -17.51 -9.18
N TYR B 230 -21.64 -17.21 -8.77
CA TYR B 230 -22.77 -17.18 -9.67
C TYR B 230 -22.97 -18.54 -10.34
N ASP B 231 -23.08 -19.57 -9.52
CA ASP B 231 -23.16 -20.92 -10.04
C ASP B 231 -24.46 -21.13 -10.85
N HIS B 232 -25.53 -20.41 -10.47
CA HIS B 232 -26.89 -20.63 -11.00
C HIS B 232 -27.34 -19.65 -12.06
N HIS B 233 -26.93 -18.39 -11.93
CA HIS B 233 -27.45 -17.33 -12.80
C HIS B 233 -26.39 -16.40 -13.33
N LEU B 234 -25.27 -16.99 -13.76
CA LEU B 234 -24.21 -16.21 -14.36
C LEU B 234 -24.74 -15.36 -15.51
N GLU B 235 -25.71 -15.88 -16.28
CA GLU B 235 -26.51 -15.16 -17.31
CA GLU B 235 -26.35 -15.09 -17.38
C GLU B 235 -27.01 -13.77 -16.92
N LEU B 236 -27.51 -13.70 -15.71
CA LEU B 236 -28.01 -12.45 -15.22
C LEU B 236 -26.90 -11.42 -14.95
N VAL B 237 -25.75 -11.92 -14.52
CA VAL B 237 -24.62 -11.04 -14.21
C VAL B 237 -24.19 -10.37 -15.53
N THR B 238 -24.05 -11.20 -16.57
CA THR B 238 -23.51 -10.73 -17.85
C THR B 238 -24.47 -9.78 -18.52
N GLU B 239 -25.76 -10.05 -18.32
CA GLU B 239 -26.77 -9.19 -18.88
C GLU B 239 -26.79 -7.86 -18.19
N ALA B 240 -26.62 -7.90 -16.86
CA ALA B 240 -26.49 -6.66 -16.07
C ALA B 240 -25.30 -5.81 -16.53
N VAL B 241 -24.14 -6.45 -16.68
CA VAL B 241 -22.90 -5.77 -17.12
C VAL B 241 -23.07 -5.16 -18.53
N LYS B 242 -23.63 -5.97 -19.43
CA LYS B 242 -24.08 -5.54 -20.80
C LYS B 242 -24.87 -4.26 -20.83
N GLU B 243 -25.99 -4.22 -20.12
CA GLU B 243 -26.88 -3.04 -20.22
C GLU B 243 -26.24 -1.80 -19.62
N PHE B 244 -25.49 -1.99 -18.52
CA PHE B 244 -24.80 -0.86 -17.88
C PHE B 244 -23.77 -0.27 -18.77
N MET B 245 -23.04 -1.16 -19.43
CA MET B 245 -21.96 -0.73 -20.30
C MET B 245 -22.42 -0.09 -21.62
N LEU B 246 -23.47 -0.62 -22.22
CA LEU B 246 -24.06 -0.01 -23.44
C LEU B 246 -24.51 1.36 -23.06
N GLU B 247 -25.17 1.45 -21.91
CA GLU B 247 -25.57 2.77 -21.43
C GLU B 247 -24.35 3.71 -21.19
N GLN B 248 -23.18 3.15 -20.80
CA GLN B 248 -22.05 4.03 -20.52
C GLN B 248 -21.38 4.46 -21.81
N ILE B 249 -21.30 3.52 -22.75
CA ILE B 249 -20.89 3.81 -24.14
C ILE B 249 -21.74 4.86 -24.86
N ALA B 250 -23.04 4.88 -24.56
CA ALA B 250 -23.98 5.82 -25.20
C ALA B 250 -23.87 7.23 -24.63
N LYS B 251 -23.15 7.39 -23.53
CA LYS B 251 -23.03 8.73 -22.92
C LYS B 251 -22.03 9.61 -23.69
#